data_4WHH
#
_entry.id   4WHH
#
_cell.length_a   57.927
_cell.length_b   58.300
_cell.length_c   66.753
_cell.angle_alpha   90.000
_cell.angle_beta   90.000
_cell.angle_gamma   90.000
#
_symmetry.space_group_name_H-M   'P 21 21 21'
#
loop_
_entity.id
_entity.type
_entity.pdbx_description
1 polymer 'Serine/threonine-protein kinase PLK1'
2 polymer 'C6H5(CH2)8-DERIVATIZED PEPTIDE INHIBITOR'
3 non-polymer 'SULFATE ION'
4 water water
#
loop_
_entity_poly.entity_id
_entity_poly.type
_entity_poly.pdbx_seq_one_letter_code
_entity_poly.pdbx_strand_id
1 'polypeptide(L)'
;GAHMDCHLSDMLQQLHSVNASKPSERGLVRQEEAEDPACIPIFWVSKWVDYSDKYGLGYQLCDNSVGVLFNDSTRLILYN
DGDSLQYIERDGTESYLTVSSHPNSLMKKITLLKYFRNYMSEHLLKAGANITPREGDELARLPYLRTWFRTRSAIILHLS
NGSVQINFFQDHTKLILCPLMAAVTYIDEKRDFRTYRLSLLEEYGCCKELASRLRYARTMVDKLLSSRSASNRLKAS
;
A
2 'polypeptide(L)' (QAC)(56A)S(TPO)(NH2) B
#
# COMPACT_ATOMS: atom_id res chain seq x y z
N HIS A 7 -6.41 13.16 -5.24
CA HIS A 7 -5.03 12.87 -4.82
C HIS A 7 -4.33 11.92 -5.79
N LEU A 8 -5.06 10.95 -6.34
CA LEU A 8 -4.48 10.02 -7.34
C LEU A 8 -4.02 10.77 -8.55
N SER A 9 -4.81 11.73 -8.99
CA SER A 9 -4.38 12.58 -10.14
C SER A 9 -3.10 13.37 -9.84
N ASP A 10 -3.01 13.89 -8.61
CA ASP A 10 -1.81 14.56 -8.20
C ASP A 10 -0.60 13.63 -8.21
N MET A 11 -0.78 12.41 -7.72
CA MET A 11 0.34 11.43 -7.74
C MET A 11 0.81 11.15 -9.19
N LEU A 12 -0.14 11.00 -10.10
CA LEU A 12 0.20 10.85 -11.51
C LEU A 12 1.04 11.99 -12.05
N GLN A 13 0.69 13.26 -11.75
CA GLN A 13 1.46 14.42 -12.21
C GLN A 13 2.85 14.50 -11.59
N GLN A 14 2.92 14.10 -10.32
CA GLN A 14 4.20 14.05 -9.61
C GLN A 14 5.15 13.05 -10.20
N LEU A 15 4.68 11.82 -10.43
CA LEU A 15 5.43 10.77 -11.09
C LEU A 15 5.85 11.15 -12.46
N HIS A 16 4.92 11.72 -13.20
CA HIS A 16 5.27 12.22 -14.49
C HIS A 16 6.34 13.23 -14.60
N SER A 17 6.30 14.23 -13.74
CA SER A 17 7.31 15.24 -13.67
C SER A 17 8.70 14.63 -13.31
N VAL A 18 8.76 13.70 -12.36
CA VAL A 18 10.01 12.99 -12.08
C VAL A 18 10.48 12.20 -13.30
N ASN A 19 9.63 11.41 -13.95
CA ASN A 19 10.06 10.49 -15.03
C ASN A 19 10.44 11.30 -16.30
N ALA A 20 9.81 12.46 -16.48
CA ALA A 20 10.05 13.29 -17.68
C ALA A 20 11.37 13.98 -17.63
N SER A 21 11.83 14.18 -16.41
CA SER A 21 13.14 14.71 -16.15
C SER A 21 14.22 13.66 -16.43
N LYS A 22 13.83 12.42 -16.72
CA LYS A 22 14.76 11.33 -17.07
C LYS A 22 15.79 11.18 -15.94
N PRO A 23 15.34 10.73 -14.78
CA PRO A 23 16.22 10.80 -13.63
C PRO A 23 17.46 9.93 -13.70
N SER A 24 17.42 8.75 -14.37
CA SER A 24 18.61 7.92 -14.47
C SER A 24 19.60 8.39 -15.54
N GLU A 25 19.19 9.33 -16.42
CA GLU A 25 20.05 9.84 -17.52
C GLU A 25 20.75 11.16 -17.17
N ARG A 26 20.77 11.60 -15.91
CA ARG A 26 21.33 12.92 -15.59
C ARG A 26 22.86 12.86 -15.59
N GLY A 27 23.48 13.99 -15.90
CA GLY A 27 24.95 14.10 -16.00
C GLY A 27 25.69 13.56 -14.79
N LEU A 28 25.25 13.96 -13.59
CA LEU A 28 25.64 13.23 -12.40
C LEU A 28 24.43 13.12 -11.52
N VAL A 29 23.88 11.90 -11.55
CA VAL A 29 22.78 11.50 -10.67
C VAL A 29 23.28 11.52 -9.24
N ARG A 30 22.51 12.14 -8.37
CA ARG A 30 22.85 12.25 -6.97
C ARG A 30 21.59 11.87 -6.14
N GLN A 31 21.23 10.58 -6.19
CA GLN A 31 20.02 10.02 -5.55
C GLN A 31 20.01 10.33 -4.05
N GLU A 32 21.17 10.22 -3.41
CA GLU A 32 21.31 10.54 -1.96
C GLU A 32 20.82 11.98 -1.57
N GLU A 33 20.94 12.96 -2.46
CA GLU A 33 20.45 14.34 -2.20
C GLU A 33 18.94 14.38 -1.98
N ALA A 34 18.21 13.41 -2.50
CA ALA A 34 16.74 13.36 -2.37
C ALA A 34 16.23 12.62 -1.16
N GLU A 35 17.14 12.07 -0.35
CA GLU A 35 16.74 11.38 0.85
C GLU A 35 15.98 12.30 1.83
N ASP A 36 14.90 11.76 2.43
CA ASP A 36 14.14 12.50 3.40
C ASP A 36 13.52 11.49 4.33
N PRO A 37 14.30 10.99 5.29
CA PRO A 37 13.85 9.89 6.16
C PRO A 37 12.65 10.27 7.03
N ALA A 38 12.40 11.57 7.22
CA ALA A 38 11.19 11.99 7.94
C ALA A 38 9.90 11.92 7.12
N CYS A 39 9.99 11.62 5.84
CA CYS A 39 8.76 11.46 5.05
C CYS A 39 8.31 10.00 5.00
N ILE A 40 8.86 9.14 5.88
CA ILE A 40 8.43 7.72 6.03
C ILE A 40 6.92 7.66 6.23
N PRO A 41 6.25 6.70 5.57
CA PRO A 41 4.77 6.67 5.68
C PRO A 41 4.35 6.17 7.03
N ILE A 42 3.15 6.56 7.44
CA ILE A 42 2.64 6.14 8.70
C ILE A 42 2.07 4.73 8.55
N PHE A 43 1.47 4.45 7.38
CA PHE A 43 0.81 3.13 7.12
C PHE A 43 1.28 2.52 5.82
N TRP A 44 1.48 1.19 5.80
CA TRP A 44 1.66 0.49 4.57
C TRP A 44 1.08 -0.91 4.80
N VAL A 45 0.93 -1.64 3.71
CA VAL A 45 0.41 -3.03 3.78
C VAL A 45 1.61 -3.95 4.01
N SER A 46 1.59 -4.62 5.15
CA SER A 46 2.67 -5.50 5.51
C SER A 46 2.46 -7.00 5.12
N LYS A 47 1.20 -7.44 4.89
CA LYS A 47 0.83 -8.79 4.50
C LYS A 47 -0.48 -8.70 3.72
N TRP A 48 -0.72 -9.62 2.81
CA TRP A 48 -1.98 -9.69 2.05
C TRP A 48 -2.23 -11.08 1.50
N VAL A 49 -3.55 -11.38 1.35
CA VAL A 49 -4.00 -12.63 0.80
C VAL A 49 -5.16 -12.37 -0.19
N ASP A 50 -4.99 -12.70 -1.46
CA ASP A 50 -6.07 -12.48 -2.47
C ASP A 50 -6.93 -13.74 -2.56
N TYR A 51 -8.10 -13.73 -1.90
CA TYR A 51 -9.06 -14.83 -2.00
C TYR A 51 -10.32 -14.35 -2.69
N SER A 52 -10.09 -13.56 -3.70
CA SER A 52 -11.16 -12.84 -4.43
C SER A 52 -12.07 -13.78 -5.26
N ASP A 53 -11.64 -15.00 -5.54
CA ASP A 53 -12.59 -15.99 -6.13
C ASP A 53 -13.80 -16.31 -5.21
N LYS A 54 -13.62 -16.15 -3.91
CA LYS A 54 -14.67 -16.53 -2.98
C LYS A 54 -15.08 -15.37 -2.04
N TYR A 55 -14.10 -14.70 -1.42
CA TYR A 55 -14.38 -13.83 -0.32
C TYR A 55 -13.92 -12.37 -0.49
N GLY A 56 -12.67 -12.20 -0.96
CA GLY A 56 -12.10 -10.88 -1.22
C GLY A 56 -10.63 -10.91 -0.86
N LEU A 57 -10.11 -9.71 -0.53
CA LEU A 57 -8.67 -9.48 -0.27
C LEU A 57 -8.50 -9.16 1.17
N GLY A 58 -7.79 -10.02 1.87
CA GLY A 58 -7.42 -9.79 3.26
C GLY A 58 -6.06 -9.15 3.39
N TYR A 59 -5.86 -8.26 4.37
CA TYR A 59 -4.52 -7.60 4.49
C TYR A 59 -4.20 -7.21 5.94
N GLN A 60 -2.90 -7.03 6.22
CA GLN A 60 -2.44 -6.51 7.48
C GLN A 60 -1.72 -5.21 7.20
N LEU A 61 -1.96 -4.21 8.00
CA LEU A 61 -1.19 -2.99 7.90
C LEU A 61 -0.04 -3.09 8.87
N CYS A 62 0.96 -2.25 8.65
CA CYS A 62 2.20 -2.25 9.46
C CYS A 62 1.99 -2.04 10.96
N ASP A 63 0.85 -1.50 11.38
CA ASP A 63 0.49 -1.37 12.82
C ASP A 63 -0.17 -2.60 13.43
N ASN A 64 -0.25 -3.67 12.66
CA ASN A 64 -0.83 -4.93 13.03
C ASN A 64 -2.35 -4.99 12.90
N SER A 65 -2.98 -3.92 12.49
CA SER A 65 -4.41 -4.01 12.20
C SER A 65 -4.60 -4.89 10.98
N VAL A 66 -5.79 -5.41 10.82
CA VAL A 66 -6.09 -6.27 9.69
C VAL A 66 -7.42 -5.81 9.06
N GLY A 67 -7.57 -6.02 7.78
CA GLY A 67 -8.81 -5.60 7.09
C GLY A 67 -9.13 -6.62 6.02
N VAL A 68 -10.39 -6.61 5.59
CA VAL A 68 -10.78 -7.36 4.41
C VAL A 68 -11.62 -6.43 3.54
N LEU A 69 -11.29 -6.36 2.25
CA LEU A 69 -12.17 -5.76 1.24
C LEU A 69 -12.89 -6.97 0.62
N PHE A 70 -14.14 -7.09 0.97
CA PHE A 70 -14.96 -8.20 0.54
C PHE A 70 -15.40 -8.00 -0.92
N ASN A 71 -15.74 -9.10 -1.58
CA ASN A 71 -16.20 -9.03 -2.98
C ASN A 71 -17.47 -8.23 -3.20
N ASP A 72 -18.27 -8.04 -2.15
CA ASP A 72 -19.47 -7.19 -2.24
C ASP A 72 -19.18 -5.68 -2.07
N SER A 73 -17.89 -5.33 -2.04
CA SER A 73 -17.38 -3.99 -1.82
C SER A 73 -17.65 -3.42 -0.44
N THR A 74 -17.84 -4.26 0.57
CA THR A 74 -17.86 -3.77 1.93
C THR A 74 -16.48 -4.04 2.53
N ARG A 75 -16.16 -3.34 3.61
CA ARG A 75 -14.87 -3.52 4.26
C ARG A 75 -15.08 -3.72 5.74
N LEU A 76 -14.25 -4.58 6.34
CA LEU A 76 -14.28 -4.78 7.78
C LEU A 76 -12.81 -4.65 8.20
N ILE A 77 -12.56 -3.86 9.25
CA ILE A 77 -11.21 -3.61 9.74
C ILE A 77 -11.20 -3.96 11.22
N LEU A 78 -10.18 -4.66 11.65
CA LEU A 78 -9.97 -4.99 13.05
C LEU A 78 -8.71 -4.21 13.54
N TYR A 79 -8.86 -3.38 14.57
CA TYR A 79 -7.78 -2.51 15.01
C TYR A 79 -6.71 -3.31 15.69
N ASN A 80 -5.55 -2.69 15.88
CA ASN A 80 -4.38 -3.34 16.51
C ASN A 80 -4.63 -3.74 17.92
N ASP A 81 -5.70 -3.20 18.49
CA ASP A 81 -6.11 -3.64 19.84
C ASP A 81 -6.72 -5.07 19.90
N GLY A 82 -7.03 -5.65 18.76
CA GLY A 82 -7.63 -7.00 18.73
C GLY A 82 -9.14 -7.06 19.01
N ASP A 83 -9.82 -5.94 19.24
CA ASP A 83 -11.24 -5.93 19.62
C ASP A 83 -12.08 -4.91 18.84
N SER A 84 -11.53 -3.77 18.52
CA SER A 84 -12.29 -2.72 17.83
C SER A 84 -12.44 -3.02 16.37
N LEU A 85 -13.68 -2.89 15.89
CA LEU A 85 -14.00 -3.11 14.47
C LEU A 85 -14.63 -1.88 13.86
N GLN A 86 -14.35 -1.67 12.57
CA GLN A 86 -14.93 -0.66 11.80
C GLN A 86 -15.48 -1.37 10.56
N TYR A 87 -16.74 -1.12 10.26
CA TYR A 87 -17.41 -1.73 9.09
C TYR A 87 -17.81 -0.61 8.20
N ILE A 88 -17.52 -0.74 6.91
CA ILE A 88 -17.83 0.26 5.91
C ILE A 88 -18.72 -0.35 4.81
N GLU A 89 -19.92 0.16 4.68
CA GLU A 89 -20.90 -0.36 3.73
C GLU A 89 -20.49 0.13 2.35
N ARG A 90 -21.21 -0.35 1.35
CA ARG A 90 -20.93 0.05 -0.04
C ARG A 90 -21.18 1.54 -0.25
N ASP A 91 -22.18 2.13 0.36
CA ASP A 91 -22.33 3.63 0.25
C ASP A 91 -21.36 4.43 1.12
N GLY A 92 -20.31 3.79 1.69
CA GLY A 92 -19.34 4.48 2.57
C GLY A 92 -19.77 4.66 4.02
N THR A 93 -20.97 4.18 4.39
CA THR A 93 -21.45 4.42 5.75
C THR A 93 -20.62 3.59 6.71
N GLU A 94 -20.07 4.23 7.72
CA GLU A 94 -19.22 3.53 8.71
C GLU A 94 -19.96 3.23 10.00
N SER A 95 -19.72 2.05 10.55
CA SER A 95 -20.22 1.62 11.87
C SER A 95 -19.02 1.10 12.69
N TYR A 96 -19.19 1.12 13.99
CA TYR A 96 -18.09 0.90 14.93
C TYR A 96 -18.59 -0.05 16.00
N LEU A 97 -17.95 -1.20 16.16
CA LEU A 97 -18.44 -2.22 17.06
C LEU A 97 -17.21 -2.97 17.62
N THR A 98 -17.42 -3.96 18.46
CA THR A 98 -16.33 -4.74 18.98
C THR A 98 -16.58 -6.18 18.67
N VAL A 99 -15.50 -6.94 18.64
CA VAL A 99 -15.52 -8.37 18.52
C VAL A 99 -16.26 -8.93 19.73
N SER A 100 -15.99 -8.36 20.91
CA SER A 100 -16.53 -8.94 22.14
C SER A 100 -18.06 -8.70 22.31
N SER A 101 -18.62 -7.76 21.57
CA SER A 101 -20.06 -7.49 21.47
C SER A 101 -20.40 -6.90 20.07
N HIS A 102 -20.87 -7.72 19.16
CA HIS A 102 -21.10 -7.27 17.78
C HIS A 102 -22.42 -7.82 17.29
N PRO A 103 -23.09 -7.08 16.38
CA PRO A 103 -24.30 -7.66 15.83
C PRO A 103 -24.03 -9.05 15.21
N ASN A 104 -24.93 -9.94 15.54
CA ASN A 104 -25.06 -11.19 14.87
C ASN A 104 -24.99 -11.07 13.38
N SER A 105 -25.45 -9.96 12.80
CA SER A 105 -25.41 -9.84 11.33
C SER A 105 -23.97 -9.83 10.76
N LEU A 106 -22.98 -9.42 11.55
CA LEU A 106 -21.57 -9.43 11.10
C LEU A 106 -20.81 -10.66 11.51
N MET A 107 -21.46 -11.66 12.08
CA MET A 107 -20.74 -12.89 12.53
C MET A 107 -19.98 -13.57 11.39
N LYS A 108 -20.61 -13.73 10.25
CA LYS A 108 -19.94 -14.35 9.10
C LYS A 108 -18.67 -13.56 8.61
N LYS A 109 -18.82 -12.24 8.47
CA LYS A 109 -17.73 -11.40 8.05
C LYS A 109 -16.62 -11.36 9.11
N ILE A 110 -16.95 -11.32 10.41
CA ILE A 110 -15.94 -11.33 11.47
C ILE A 110 -15.17 -12.66 11.47
N THR A 111 -15.91 -13.76 11.28
CA THR A 111 -15.33 -15.09 11.11
C THR A 111 -14.35 -15.19 9.96
N LEU A 112 -14.72 -14.68 8.78
CA LEU A 112 -13.83 -14.62 7.65
C LEU A 112 -12.59 -13.78 7.96
N LEU A 113 -12.80 -12.64 8.63
CA LEU A 113 -11.66 -11.76 8.93
C LEU A 113 -10.72 -12.53 9.83
N LYS A 114 -11.30 -13.29 10.74
CA LYS A 114 -10.50 -14.13 11.66
C LYS A 114 -9.66 -15.16 10.96
N TYR A 115 -10.21 -15.85 9.92
CA TYR A 115 -9.46 -16.82 9.14
C TYR A 115 -8.34 -16.13 8.42
N PHE A 116 -8.61 -14.98 7.81
CA PHE A 116 -7.52 -14.22 7.17
C PHE A 116 -6.43 -13.84 8.20
N ARG A 117 -6.85 -13.30 9.33
CA ARG A 117 -5.92 -12.88 10.39
C ARG A 117 -5.05 -14.01 10.84
N ASN A 118 -5.68 -15.16 11.19
CA ASN A 118 -4.88 -16.37 11.57
C ASN A 118 -3.91 -16.88 10.51
N TYR A 119 -4.36 -16.85 9.25
CA TYR A 119 -3.54 -17.29 8.13
C TYR A 119 -2.30 -16.40 7.95
N MET A 120 -2.48 -15.07 8.03
CA MET A 120 -1.40 -14.15 7.87
C MET A 120 -0.41 -14.26 9.04
N SER A 121 -0.91 -14.48 10.22
CA SER A 121 -0.09 -14.59 11.40
C SER A 121 0.77 -15.86 11.33
N GLU A 122 0.16 -16.97 10.90
CA GLU A 122 0.85 -18.28 10.90
C GLU A 122 1.78 -18.46 9.75
N HIS A 123 1.50 -17.85 8.61
CA HIS A 123 2.19 -18.17 7.43
C HIS A 123 3.03 -17.10 6.76
N LEU A 124 2.75 -15.80 6.96
CA LEU A 124 3.32 -14.80 6.12
C LEU A 124 4.28 -13.89 6.95
N LEU A 125 5.25 -13.35 6.26
CA LEU A 125 6.30 -12.46 6.83
C LEU A 125 5.84 -11.02 6.82
N LYS A 126 6.27 -10.24 7.84
CA LYS A 126 5.82 -8.85 7.93
C LYS A 126 6.70 -7.89 7.06
N ALA A 127 6.18 -7.31 5.96
CA ALA A 127 6.98 -6.34 5.20
C ALA A 127 7.19 -5.05 6.01
N GLY A 128 8.40 -4.51 5.91
CA GLY A 128 8.78 -3.29 6.62
C GLY A 128 8.91 -3.46 8.14
N ALA A 129 9.14 -4.67 8.59
CA ALA A 129 9.09 -4.96 10.05
C ALA A 129 10.29 -4.27 10.72
N ASN A 130 11.32 -4.00 9.91
CA ASN A 130 12.52 -3.21 10.36
C ASN A 130 12.38 -1.64 10.33
N ILE A 131 11.25 -1.11 9.83
CA ILE A 131 11.16 0.32 9.58
C ILE A 131 10.66 1.04 10.85
N LEU A 142 -7.07 5.63 10.84
CA LEU A 142 -6.79 4.30 10.21
C LEU A 142 -7.35 4.17 8.77
N PRO A 143 -6.49 4.06 7.77
CA PRO A 143 -7.06 3.95 6.45
C PRO A 143 -7.54 2.55 6.15
N TYR A 144 -8.33 2.45 5.10
CA TYR A 144 -8.75 1.14 4.64
C TYR A 144 -8.39 0.95 3.18
N LEU A 145 -8.48 -0.28 2.72
CA LEU A 145 -8.13 -0.53 1.32
C LEU A 145 -9.23 -0.02 0.41
N ARG A 146 -8.92 0.97 -0.37
CA ARG A 146 -9.88 1.53 -1.35
C ARG A 146 -10.03 0.61 -2.57
N THR A 147 -8.94 0.29 -3.28
CA THR A 147 -8.95 -0.74 -4.31
C THR A 147 -7.63 -1.34 -4.47
N TRP A 148 -7.60 -2.39 -5.28
CA TRP A 148 -6.36 -3.07 -5.58
C TRP A 148 -6.52 -3.82 -6.88
N PHE A 149 -5.38 -4.12 -7.49
CA PHE A 149 -5.35 -5.12 -8.55
C PHE A 149 -3.99 -5.75 -8.69
N ARG A 150 -3.95 -6.86 -9.41
CA ARG A 150 -2.71 -7.58 -9.68
C ARG A 150 -2.49 -7.61 -11.16
N THR A 151 -1.24 -7.45 -11.54
CA THR A 151 -0.72 -7.65 -12.90
C THR A 151 0.17 -8.94 -12.84
N ARG A 152 0.84 -9.23 -13.94
CA ARG A 152 1.76 -10.35 -13.92
C ARG A 152 2.94 -10.08 -12.98
N SER A 153 3.31 -8.82 -12.86
CA SER A 153 4.56 -8.47 -12.20
C SER A 153 4.35 -7.90 -10.79
N ALA A 154 3.15 -7.51 -10.43
CA ALA A 154 2.98 -6.75 -9.18
C ALA A 154 1.54 -6.77 -8.66
N ILE A 155 1.42 -6.47 -7.38
CA ILE A 155 0.17 -6.07 -6.83
C ILE A 155 0.21 -4.57 -6.47
N ILE A 156 -0.90 -3.91 -6.82
CA ILE A 156 -1.06 -2.49 -6.63
C ILE A 156 -2.19 -2.28 -5.58
N LEU A 157 -1.86 -1.53 -4.53
CA LEU A 157 -2.77 -1.32 -3.41
C LEU A 157 -2.97 0.17 -3.15
N HIS A 158 -4.23 0.61 -3.16
CA HIS A 158 -4.58 2.00 -2.96
C HIS A 158 -5.39 2.19 -1.65
N LEU A 159 -4.81 2.88 -0.68
CA LEU A 159 -5.40 3.09 0.60
C LEU A 159 -6.17 4.41 0.58
N SER A 160 -7.12 4.47 1.48
CA SER A 160 -8.07 5.60 1.65
C SER A 160 -7.45 6.91 2.06
N ASN A 161 -6.22 6.90 2.58
CA ASN A 161 -5.47 8.10 2.84
C ASN A 161 -4.64 8.58 1.64
N GLY A 162 -4.81 7.94 0.49
CA GLY A 162 -4.17 8.33 -0.78
C GLY A 162 -2.87 7.58 -1.06
N SER A 163 -2.37 6.84 -0.08
CA SER A 163 -1.19 5.99 -0.31
C SER A 163 -1.39 4.95 -1.38
N VAL A 164 -0.39 4.82 -2.25
CA VAL A 164 -0.39 3.80 -3.25
C VAL A 164 0.86 2.95 -3.01
N GLN A 165 0.63 1.64 -2.90
CA GLN A 165 1.72 0.70 -2.64
C GLN A 165 1.78 -0.25 -3.79
N ILE A 166 3.00 -0.56 -4.24
CA ILE A 166 3.23 -1.51 -5.34
C ILE A 166 4.33 -2.47 -4.89
N ASN A 167 3.92 -3.73 -4.77
CA ASN A 167 4.83 -4.86 -4.47
C ASN A 167 5.14 -5.67 -5.75
N PHE A 168 6.44 -5.70 -6.09
CA PHE A 168 6.95 -6.49 -7.22
C PHE A 168 7.23 -7.93 -6.82
N PHE A 169 6.56 -8.82 -7.53
CA PHE A 169 6.58 -10.27 -7.32
C PHE A 169 7.96 -10.92 -7.55
N GLN A 170 8.69 -10.51 -8.60
CA GLN A 170 9.92 -11.20 -9.04
C GLN A 170 11.13 -11.00 -8.10
N ASP A 171 11.18 -9.88 -7.39
CA ASP A 171 12.32 -9.64 -6.57
C ASP A 171 12.02 -9.11 -5.18
N HIS A 172 10.74 -9.09 -4.80
CA HIS A 172 10.28 -8.70 -3.48
C HIS A 172 10.51 -7.22 -3.17
N THR A 173 10.72 -6.41 -4.19
CA THR A 173 10.93 -5.01 -4.00
C THR A 173 9.57 -4.32 -3.98
N LYS A 174 9.53 -3.18 -3.30
CA LYS A 174 8.25 -2.44 -3.06
C LYS A 174 8.44 -0.96 -3.08
N LEU A 175 7.40 -0.25 -3.56
CA LEU A 175 7.31 1.16 -3.48
C LEU A 175 6.09 1.53 -2.67
N ILE A 176 6.24 2.53 -1.80
CA ILE A 176 5.12 3.12 -1.12
C ILE A 176 5.10 4.59 -1.48
N LEU A 177 4.02 5.03 -2.13
CA LEU A 177 3.94 6.38 -2.63
C LEU A 177 2.91 7.20 -1.88
N CYS A 178 3.23 8.46 -1.60
CA CYS A 178 2.27 9.37 -0.91
C CYS A 178 2.20 10.70 -1.60
N PRO A 179 1.11 10.97 -2.34
CA PRO A 179 1.12 12.24 -3.02
C PRO A 179 1.00 13.44 -2.08
N LEU A 180 0.49 13.27 -0.84
CA LEU A 180 0.34 14.44 0.08
C LEU A 180 1.69 14.98 0.52
N MET A 181 2.64 14.09 0.69
CA MET A 181 3.99 14.42 1.07
C MET A 181 4.86 14.50 -0.18
N ALA A 182 4.30 14.11 -1.32
CA ALA A 182 5.02 13.91 -2.59
C ALA A 182 6.32 13.19 -2.29
N ALA A 183 6.19 11.99 -1.78
CA ALA A 183 7.37 11.18 -1.43
C ALA A 183 7.18 9.74 -1.86
N VAL A 184 8.30 9.03 -1.94
CA VAL A 184 8.32 7.58 -2.23
C VAL A 184 9.29 6.87 -1.30
N THR A 185 8.84 5.76 -0.76
CA THR A 185 9.71 4.84 -0.06
C THR A 185 9.93 3.63 -0.88
N TYR A 186 11.18 3.22 -0.97
CA TYR A 186 11.63 2.05 -1.72
C TYR A 186 12.26 1.09 -0.75
N ILE A 187 11.73 -0.14 -0.81
CA ILE A 187 12.22 -1.30 -0.07
C ILE A 187 12.88 -2.20 -1.10
N ASP A 188 14.19 -2.40 -0.95
CA ASP A 188 14.95 -3.12 -1.96
C ASP A 188 15.00 -4.57 -1.60
N GLU A 189 15.73 -5.36 -2.36
CA GLU A 189 15.64 -6.82 -2.25
C GLU A 189 16.31 -7.30 -0.95
N LYS A 190 17.18 -6.50 -0.34
CA LYS A 190 17.71 -6.86 1.02
C LYS A 190 16.86 -6.35 2.18
N ARG A 191 15.71 -5.74 1.86
CA ARG A 191 14.80 -5.11 2.83
C ARG A 191 15.34 -3.82 3.46
N ASP A 192 16.41 -3.30 2.89
CA ASP A 192 16.80 -1.95 3.17
C ASP A 192 15.72 -1.01 2.61
N PHE A 193 15.52 0.11 3.27
CA PHE A 193 14.50 1.04 2.84
C PHE A 193 15.10 2.46 2.80
N ARG A 194 14.54 3.33 1.98
CA ARG A 194 14.99 4.68 1.86
C ARG A 194 13.77 5.43 1.34
N THR A 195 13.57 6.58 1.89
CA THR A 195 12.48 7.49 1.50
C THR A 195 13.10 8.72 0.82
N TYR A 196 12.48 9.12 -0.29
CA TYR A 196 12.94 10.19 -1.14
C TYR A 196 11.82 11.16 -1.38
N ARG A 197 12.15 12.44 -1.42
CA ARG A 197 11.23 13.47 -1.83
C ARG A 197 11.21 13.51 -3.37
N LEU A 198 10.01 13.42 -3.95
CA LEU A 198 9.92 13.34 -5.37
C LEU A 198 10.45 14.59 -6.06
N SER A 199 10.24 15.76 -5.46
CA SER A 199 10.76 16.99 -6.09
C SER A 199 12.28 16.99 -6.11
N LEU A 200 12.92 16.35 -5.14
CA LEU A 200 14.37 16.28 -5.11
C LEU A 200 14.88 15.19 -6.11
N LEU A 201 14.10 14.13 -6.32
CA LEU A 201 14.42 13.18 -7.39
C LEU A 201 14.34 13.86 -8.78
N GLU A 202 13.38 14.76 -8.94
CA GLU A 202 13.27 15.52 -10.17
C GLU A 202 14.51 16.39 -10.42
N GLU A 203 15.06 16.92 -9.34
CA GLU A 203 16.25 17.77 -9.41
C GLU A 203 17.53 17.00 -9.58
N TYR A 204 17.74 15.92 -8.80
CA TYR A 204 19.03 15.31 -8.62
C TYR A 204 19.14 13.94 -9.29
N GLY A 205 18.01 13.42 -9.79
CA GLY A 205 18.04 12.10 -10.43
C GLY A 205 18.03 10.90 -9.53
N CYS A 206 18.02 9.72 -10.15
CA CYS A 206 18.15 8.50 -9.39
C CYS A 206 18.64 7.39 -10.27
N CYS A 207 19.14 6.36 -9.62
CA CYS A 207 19.75 5.27 -10.35
C CYS A 207 18.68 4.43 -11.05
N LYS A 208 19.12 3.55 -11.93
CA LYS A 208 18.25 2.75 -12.81
C LYS A 208 17.20 1.90 -12.08
N GLU A 209 17.55 1.34 -10.92
CA GLU A 209 16.64 0.46 -10.17
C GLU A 209 15.38 1.25 -9.78
N LEU A 210 15.60 2.38 -9.10
CA LEU A 210 14.46 3.21 -8.72
C LEU A 210 13.72 3.80 -9.92
N ALA A 211 14.47 4.34 -10.88
CA ALA A 211 13.88 5.00 -12.07
C ALA A 211 12.95 4.01 -12.74
N SER A 212 13.43 2.77 -12.90
CA SER A 212 12.59 1.77 -13.59
C SER A 212 11.24 1.53 -12.88
N ARG A 213 11.36 1.39 -11.57
CA ARG A 213 10.20 1.17 -10.78
C ARG A 213 9.19 2.34 -10.76
N LEU A 214 9.73 3.57 -10.75
CA LEU A 214 8.88 4.71 -10.85
C LEU A 214 8.18 4.81 -12.22
N ARG A 215 8.84 4.38 -13.28
CA ARG A 215 8.16 4.36 -14.60
C ARG A 215 7.00 3.38 -14.56
N TYR A 216 7.21 2.21 -13.97
CA TYR A 216 6.13 1.25 -13.80
C TYR A 216 5.03 1.82 -12.89
N ALA A 217 5.43 2.48 -11.82
CA ALA A 217 4.45 3.08 -10.92
C ALA A 217 3.54 4.05 -11.66
N ARG A 218 4.12 4.87 -12.51
CA ARG A 218 3.30 5.79 -13.26
C ARG A 218 2.24 5.06 -14.07
N THR A 219 2.63 4.01 -14.77
CA THR A 219 1.69 3.21 -15.52
C THR A 219 0.59 2.58 -14.65
N MET A 220 0.92 2.17 -13.44
CA MET A 220 -0.08 1.64 -12.50
C MET A 220 -1.06 2.65 -11.95
N VAL A 221 -0.59 3.87 -11.68
CA VAL A 221 -1.42 4.93 -11.25
C VAL A 221 -2.42 5.27 -12.39
N ASP A 222 -1.96 5.28 -13.63
CA ASP A 222 -2.86 5.39 -14.77
C ASP A 222 -3.96 4.33 -14.74
N LYS A 223 -3.59 3.08 -14.51
CA LYS A 223 -4.57 2.03 -14.33
C LYS A 223 -5.55 2.31 -13.20
N LEU A 224 -5.08 2.71 -12.01
CA LEU A 224 -5.99 3.04 -10.91
C LEU A 224 -6.98 4.09 -11.30
N LEU A 225 -6.56 5.04 -12.11
CA LEU A 225 -7.49 6.06 -12.52
C LEU A 225 -8.52 5.60 -13.55
N SER A 226 -8.29 4.55 -14.32
CA SER A 226 -9.26 4.23 -15.37
C SER A 226 -10.53 3.80 -14.69
N SER B 3 1.06 -12.56 -0.08
CA SER B 3 2.33 -11.88 0.06
C SER B 3 3.38 -12.94 0.52
#